data_3BX4
#
_entry.id   3BX4
#
_cell.length_a   64.318
_cell.length_b   91.305
_cell.length_c   118.916
_cell.angle_alpha   90.00
_cell.angle_beta   90.00
_cell.angle_gamma   90.00
#
_symmetry.space_group_name_H-M   'P 21 21 2'
#
loop_
_entity.id
_entity.type
_entity.pdbx_description
1 polymer 'Aggretin alpha chain'
2 polymer 'Aggretin beta chain'
3 non-polymer 'SULFATE ION'
4 non-polymer GLYCEROL
5 water water
#
loop_
_entity_poly.entity_id
_entity_poly.type
_entity_poly.pdbx_seq_one_letter_code
_entity_poly.pdbx_strand_id
1 'polypeptide(L)'
;GLEDCDFGWSPYDQHCYQAFNEQKTWDEAEKFCRAQENGAHLASIESNGEADFVSWLISQKDELADEDYVWIGLRAQNKE
QQCSSEWSDGSSVSYENLIDLHTKKCGALEKLTGFRKWVNYYCEQMHAFVCKLLPY
;
A,C
2 'polypeptide(L)'
;MGRFIFVSFGLLVVFLSLSGTGADCPSGWSSYEGHCYKPFNEPKNWADAERFCKLQPKHSHLVSFQSAEEADFVVKLTRP
RLKANLVWMGLSNIWHGCNWQWSDGARLNYKDWQEQSECLAFRGVHTEWLNMDCSSTCSFVCKFKA
;
B,D
#
loop_
_chem_comp.id
_chem_comp.type
_chem_comp.name
_chem_comp.formula
GOL non-polymer GLYCEROL 'C3 H8 O3'
SO4 non-polymer 'SULFATE ION' 'O4 S -2'
#
# COMPACT_ATOMS: atom_id res chain seq x y z
N ASP A 4 34.13 -3.19 -3.44
CA ASP A 4 34.15 -2.48 -4.77
C ASP A 4 32.79 -2.58 -5.45
N CYS A 5 32.42 -1.59 -6.27
CA CYS A 5 31.12 -1.65 -7.01
C CYS A 5 31.25 -2.51 -8.20
N ASP A 6 30.11 -3.01 -8.65
CA ASP A 6 30.02 -3.84 -9.81
C ASP A 6 29.69 -2.97 -10.98
N PHE A 7 29.85 -3.55 -12.16
CA PHE A 7 29.61 -2.85 -13.43
C PHE A 7 28.24 -2.21 -13.45
N GLY A 8 28.18 -0.96 -13.94
CA GLY A 8 26.92 -0.20 -13.97
C GLY A 8 26.61 0.62 -12.72
N TRP A 9 27.29 0.33 -11.61
CA TRP A 9 27.04 1.02 -10.37
C TRP A 9 28.11 2.09 -10.20
N SER A 10 27.78 3.12 -9.44
CA SER A 10 28.70 4.19 -9.09
C SER A 10 28.93 4.26 -7.61
N PRO A 11 30.23 4.31 -7.19
CA PRO A 11 30.52 4.42 -5.78
C PRO A 11 30.40 5.80 -5.15
N TYR A 12 29.91 5.82 -3.92
CA TYR A 12 30.00 7.00 -3.08
C TYR A 12 30.01 6.57 -1.61
N ASP A 13 31.03 7.02 -0.86
CA ASP A 13 31.12 6.80 0.59
C ASP A 13 30.69 5.43 1.04
N GLN A 14 31.29 4.38 0.48
CA GLN A 14 31.03 3.02 0.98
C GLN A 14 29.75 2.32 0.46
N HIS A 15 28.95 2.99 -0.38
CA HIS A 15 27.81 2.34 -0.98
C HIS A 15 27.96 2.44 -2.50
N CYS A 16 27.10 1.70 -3.22
CA CYS A 16 27.05 1.73 -4.69
C CYS A 16 25.66 2.19 -5.13
N TYR A 17 25.60 2.97 -6.23
CA TYR A 17 24.32 3.58 -6.67
C TYR A 17 24.13 3.36 -8.15
N GLN A 18 22.88 3.20 -8.61
CA GLN A 18 22.60 3.24 -10.02
C GLN A 18 21.23 3.89 -10.26
N ALA A 19 21.16 4.77 -11.26
CA ALA A 19 19.87 5.36 -11.72
C ALA A 19 19.38 4.49 -12.84
N PHE A 20 18.12 4.06 -12.76
CA PHE A 20 17.50 3.24 -13.82
C PHE A 20 16.48 4.10 -14.54
N ASN A 21 16.50 4.05 -15.87
CA ASN A 21 15.56 4.93 -16.63
C ASN A 21 14.18 4.33 -16.89
N GLU A 22 14.06 3.02 -16.75
CA GLU A 22 12.78 2.31 -16.77
C GLU A 22 11.76 2.95 -15.84
N GLN A 23 10.62 3.40 -16.36
CA GLN A 23 9.66 4.07 -15.50
C GLN A 23 8.74 3.08 -14.80
N LYS A 24 8.76 3.11 -13.46
CA LYS A 24 8.00 2.15 -12.64
C LYS A 24 7.35 2.88 -11.45
N THR A 25 6.29 2.27 -10.92
CA THR A 25 5.61 2.81 -9.73
C THR A 25 6.64 2.68 -8.61
N TRP A 26 6.40 3.37 -7.53
CA TRP A 26 7.32 3.30 -6.37
C TRP A 26 7.52 1.82 -5.95
N ASP A 27 6.41 1.11 -5.72
CA ASP A 27 6.50 -0.32 -5.34
C ASP A 27 7.28 -1.16 -6.33
N GLU A 28 7.03 -1.04 -7.64
CA GLU A 28 7.74 -1.82 -8.56
C GLU A 28 9.22 -1.44 -8.64
N ALA A 29 9.52 -0.17 -8.43
CA ALA A 29 10.91 0.30 -8.44
C ALA A 29 11.63 -0.38 -7.28
N GLU A 30 11.06 -0.31 -6.07
CA GLU A 30 11.64 -0.99 -4.91
C GLU A 30 11.84 -2.49 -5.16
N LYS A 31 10.84 -3.18 -5.70
CA LYS A 31 10.97 -4.61 -6.07
C LYS A 31 12.12 -4.84 -7.04
N PHE A 32 12.25 -3.95 -8.05
CA PHE A 32 13.36 -4.06 -8.98
C PHE A 32 14.72 -3.91 -8.30
N CYS A 33 14.85 -2.94 -7.38
CA CYS A 33 16.10 -2.83 -6.63
C CYS A 33 16.41 -4.11 -5.83
N ARG A 34 15.38 -4.67 -5.22
CA ARG A 34 15.58 -5.94 -4.44
C ARG A 34 16.05 -7.09 -5.33
N ALA A 35 15.74 -7.07 -6.64
CA ALA A 35 16.20 -8.08 -7.50
C ALA A 35 17.60 -7.83 -8.09
N GLN A 36 18.28 -6.75 -7.68
CA GLN A 36 19.63 -6.43 -8.19
C GLN A 36 20.69 -6.88 -7.19
N GLU A 37 21.76 -7.47 -7.72
CA GLU A 37 22.95 -7.79 -6.91
C GLU A 37 22.56 -8.61 -5.70
N ASN A 38 23.00 -8.25 -4.49
CA ASN A 38 22.59 -9.03 -3.33
C ASN A 38 21.36 -8.44 -2.63
N GLY A 39 20.53 -7.66 -3.38
CA GLY A 39 19.28 -7.15 -2.82
C GLY A 39 19.54 -5.70 -2.47
N ALA A 40 19.37 -4.83 -3.45
CA ALA A 40 19.44 -3.39 -3.21
C ALA A 40 18.06 -2.84 -2.77
N HIS A 41 18.01 -1.54 -2.49
CA HIS A 41 16.74 -0.89 -2.19
C HIS A 41 16.75 0.42 -2.93
N LEU A 42 15.60 1.08 -2.95
CA LEU A 42 15.55 2.49 -3.43
C LEU A 42 16.48 3.27 -2.57
N ALA A 43 17.19 4.24 -3.12
CA ALA A 43 18.16 5.06 -2.31
C ALA A 43 17.59 5.77 -1.10
N SER A 44 18.26 5.61 0.06
CA SER A 44 18.10 6.52 1.15
C SER A 44 19.20 7.59 1.02
N ILE A 45 18.93 8.78 1.55
CA ILE A 45 19.78 9.93 1.37
C ILE A 45 20.01 10.41 2.76
N GLU A 46 21.24 10.27 3.22
CA GLU A 46 21.55 10.43 4.66
C GLU A 46 22.46 11.65 4.97
N SER A 47 22.77 12.44 3.94
CA SER A 47 23.63 13.64 4.06
C SER A 47 23.59 14.54 2.81
N ASN A 48 24.02 15.79 2.99
CA ASN A 48 24.14 16.71 1.85
C ASN A 48 25.05 16.18 0.77
N GLY A 49 26.15 15.51 1.17
CA GLY A 49 27.11 15.05 0.19
C GLY A 49 26.47 13.94 -0.63
N GLU A 50 25.71 13.08 0.02
CA GLU A 50 24.99 11.99 -0.70
C GLU A 50 23.87 12.59 -1.56
N ALA A 51 23.18 13.61 -1.03
CA ALA A 51 22.15 14.31 -1.80
C ALA A 51 22.73 14.87 -3.10
N ASP A 52 23.89 15.52 -3.01
CA ASP A 52 24.56 16.00 -4.21
C ASP A 52 25.00 14.91 -5.18
N PHE A 53 25.49 13.80 -4.67
CA PHE A 53 26.02 12.77 -5.55
C PHE A 53 24.86 12.14 -6.36
N VAL A 54 23.78 11.87 -5.65
CA VAL A 54 22.59 11.30 -6.34
C VAL A 54 22.04 12.28 -7.40
N SER A 55 21.99 13.57 -7.10
CA SER A 55 21.63 14.60 -8.13
C SER A 55 22.50 14.51 -9.38
N TRP A 56 23.81 14.40 -9.15
CA TRP A 56 24.77 14.26 -10.24
C TRP A 56 24.59 12.99 -11.03
N LEU A 57 24.42 11.88 -10.33
CA LEU A 57 24.13 10.58 -10.91
C LEU A 57 22.94 10.65 -11.83
N ILE A 58 21.87 11.28 -11.34
CA ILE A 58 20.70 11.50 -12.21
C ILE A 58 21.04 12.38 -13.41
N SER A 59 21.76 13.46 -13.17
CA SER A 59 22.09 14.41 -14.29
C SER A 59 22.89 13.77 -15.42
N GLN A 60 23.63 12.69 -15.12
CA GLN A 60 24.53 12.05 -16.09
C GLN A 60 23.87 10.91 -16.89
N LYS A 61 22.60 10.65 -16.61
CA LYS A 61 21.87 9.63 -17.36
C LYS A 61 21.16 10.25 -18.56
N ASP A 62 21.77 10.11 -19.73
CA ASP A 62 21.26 10.83 -20.89
C ASP A 62 19.82 10.43 -21.25
N GLU A 63 19.43 9.21 -20.86
CA GLU A 63 18.10 8.64 -21.17
C GLU A 63 17.01 9.34 -20.39
N LEU A 64 17.40 10.03 -19.30
CA LEU A 64 16.49 10.68 -18.37
C LEU A 64 16.19 12.13 -18.74
N ALA A 65 16.50 12.54 -19.97
CA ALA A 65 16.34 13.95 -20.32
C ALA A 65 14.89 14.48 -20.22
N ASP A 66 13.92 13.63 -20.54
CA ASP A 66 12.51 14.06 -20.52
C ASP A 66 11.85 13.77 -19.15
N GLU A 67 12.63 13.23 -18.21
CA GLU A 67 12.06 12.75 -16.92
C GLU A 67 11.92 13.88 -15.88
N ASP A 68 10.74 13.95 -15.18
CA ASP A 68 10.47 15.06 -14.28
C ASP A 68 10.53 14.67 -12.80
N TYR A 69 10.41 13.38 -12.51
CA TYR A 69 10.49 12.87 -11.09
C TYR A 69 11.30 11.57 -11.13
N VAL A 70 12.06 11.33 -10.03
CA VAL A 70 12.79 10.11 -9.91
C VAL A 70 12.56 9.57 -8.48
N TRP A 71 12.17 8.30 -8.35
CA TRP A 71 11.81 7.73 -7.03
C TRP A 71 13.06 7.50 -6.22
N ILE A 72 12.94 7.81 -4.92
CA ILE A 72 13.94 7.41 -3.90
C ILE A 72 13.19 6.63 -2.80
N GLY A 73 13.90 6.14 -1.77
CA GLY A 73 13.23 5.15 -0.91
C GLY A 73 12.34 5.62 0.23
N LEU A 74 11.87 6.87 0.20
CA LEU A 74 11.05 7.42 1.25
C LEU A 74 9.63 6.93 1.07
N ARG A 75 9.05 6.39 2.13
CA ARG A 75 7.73 5.76 2.06
C ARG A 75 6.98 6.09 3.33
N ALA A 76 5.76 6.61 3.20
CA ALA A 76 4.95 6.85 4.43
C ALA A 76 4.45 5.53 4.97
N GLN A 77 4.60 5.32 6.30
CA GLN A 77 4.12 4.10 6.92
C GLN A 77 2.68 4.14 7.51
N ASN A 78 2.17 5.36 7.78
CA ASN A 78 0.82 5.57 8.28
C ASN A 78 -0.11 4.99 7.21
N LYS A 79 -1.04 4.13 7.64
CA LYS A 79 -2.06 3.52 6.79
C LYS A 79 -3.13 4.43 6.20
N GLU A 80 -3.37 5.59 6.83
CA GLU A 80 -4.41 6.51 6.39
C GLU A 80 -4.06 7.16 5.08
N GLN A 81 -5.10 7.52 4.33
CA GLN A 81 -4.98 8.20 3.03
C GLN A 81 -4.56 9.68 3.11
N GLN A 82 -4.73 10.28 4.29
CA GLN A 82 -4.22 11.61 4.55
C GLN A 82 -3.91 11.56 6.04
N CYS A 83 -2.89 12.29 6.44
CA CYS A 83 -2.24 11.99 7.73
C CYS A 83 -2.64 12.91 8.85
N SER A 84 -3.68 13.73 8.64
CA SER A 84 -4.24 14.55 9.75
C SER A 84 -5.39 13.82 10.38
N SER A 85 -5.17 13.35 11.59
CA SER A 85 -6.21 12.61 12.27
C SER A 85 -7.21 13.49 13.07
N GLU A 86 -6.91 14.78 13.22
CA GLU A 86 -7.86 15.71 13.85
C GLU A 86 -8.16 16.92 13.00
N TRP A 87 -9.43 17.30 13.02
CA TRP A 87 -9.89 18.57 12.45
C TRP A 87 -9.41 19.74 13.26
N SER A 88 -9.37 20.92 12.67
CA SER A 88 -8.87 22.13 13.44
C SER A 88 -9.71 22.41 14.70
N ASP A 89 -10.96 21.92 14.70
CA ASP A 89 -11.86 22.03 15.85
C ASP A 89 -11.62 20.98 16.92
N GLY A 90 -10.60 20.14 16.75
CA GLY A 90 -10.27 19.13 17.79
C GLY A 90 -10.93 17.76 17.64
N SER A 91 -11.97 17.69 16.80
CA SER A 91 -12.71 16.45 16.61
C SER A 91 -11.91 15.47 15.75
N SER A 92 -12.15 14.17 15.93
CA SER A 92 -11.37 13.17 15.16
C SER A 92 -11.95 13.01 13.77
N VAL A 93 -11.11 12.62 12.82
CA VAL A 93 -11.60 12.44 11.45
C VAL A 93 -12.16 10.99 11.37
N SER A 94 -13.40 10.85 10.93
CA SER A 94 -13.90 9.51 10.60
C SER A 94 -14.41 9.56 9.17
N TYR A 95 -15.55 10.21 8.96
CA TYR A 95 -16.00 10.47 7.59
C TYR A 95 -14.89 11.20 6.81
N GLU A 96 -14.67 10.81 5.56
CA GLU A 96 -13.83 11.61 4.68
C GLU A 96 -14.21 11.22 3.26
N ASN A 97 -14.13 12.17 2.36
CA ASN A 97 -14.53 11.86 0.98
C ASN A 97 -13.31 12.01 0.10
N LEU A 98 -12.48 10.97 0.04
CA LEU A 98 -11.22 11.01 -0.73
C LEU A 98 -11.33 10.21 -2.01
N ILE A 99 -12.57 9.96 -2.42
CA ILE A 99 -12.87 9.14 -3.60
C ILE A 99 -12.12 9.57 -4.91
N ASP A 100 -12.04 10.85 -5.19
CA ASP A 100 -11.43 11.19 -6.54
C ASP A 100 -10.01 11.75 -6.40
N LEU A 101 -9.44 11.53 -5.21
CA LEU A 101 -8.16 12.06 -4.87
C LEU A 101 -7.14 10.93 -4.68
N HIS A 102 -5.93 11.07 -5.26
CA HIS A 102 -4.86 10.12 -5.04
C HIS A 102 -3.93 10.66 -3.97
N THR A 103 -3.48 9.78 -3.11
CA THR A 103 -2.64 10.09 -1.98
C THR A 103 -1.18 10.28 -2.44
N LYS A 104 -0.35 10.93 -1.61
CA LYS A 104 1.03 11.25 -1.97
C LYS A 104 1.93 10.73 -0.87
N LYS A 105 2.12 9.42 -0.86
CA LYS A 105 2.77 8.71 0.24
C LYS A 105 4.13 8.11 -0.08
N CYS A 106 4.71 8.59 -1.17
CA CYS A 106 6.01 8.12 -1.60
C CYS A 106 6.91 9.32 -1.90
N GLY A 107 8.21 9.16 -1.71
CA GLY A 107 9.12 10.31 -1.88
C GLY A 107 9.88 10.27 -3.18
N ALA A 108 10.02 11.44 -3.80
CA ALA A 108 10.68 11.55 -5.13
C ALA A 108 11.62 12.77 -5.15
N LEU A 109 12.58 12.72 -6.08
CA LEU A 109 13.38 13.90 -6.41
C LEU A 109 12.77 14.49 -7.69
N GLU A 110 12.90 15.80 -7.87
CA GLU A 110 12.10 16.46 -8.93
C GLU A 110 12.99 17.37 -9.79
N LYS A 111 12.77 17.36 -11.10
CA LYS A 111 13.62 18.11 -12.03
C LYS A 111 13.61 19.60 -11.72
N LEU A 112 12.42 20.15 -11.53
CA LEU A 112 12.28 21.60 -11.19
C LEU A 112 13.17 22.06 -10.04
N THR A 113 13.48 21.19 -9.10
CA THR A 113 14.34 21.58 -7.98
C THR A 113 15.70 20.88 -8.03
N GLY A 114 16.12 20.49 -9.23
CA GLY A 114 17.47 19.99 -9.46
C GLY A 114 17.74 18.59 -8.91
N PHE A 115 16.67 17.82 -8.72
CA PHE A 115 16.78 16.46 -8.16
C PHE A 115 17.56 16.48 -6.85
N ARG A 116 17.30 17.46 -5.99
CA ARG A 116 17.88 17.45 -4.66
C ARG A 116 16.82 17.43 -3.52
N LYS A 117 15.91 18.39 -3.55
CA LYS A 117 14.88 18.46 -2.52
C LYS A 117 13.87 17.30 -2.65
N TRP A 118 13.46 16.76 -1.52
CA TRP A 118 12.46 15.67 -1.51
C TRP A 118 11.07 16.22 -1.61
N VAL A 119 10.26 15.55 -2.42
CA VAL A 119 8.86 15.91 -2.54
C VAL A 119 8.03 14.64 -2.38
N ASN A 120 6.89 14.76 -1.75
CA ASN A 120 6.01 13.61 -1.70
C ASN A 120 5.15 13.58 -2.95
N TYR A 121 4.87 12.40 -3.40
CA TYR A 121 4.24 12.23 -4.71
C TYR A 121 3.42 10.95 -4.79
N TYR A 122 2.72 10.80 -5.90
CA TYR A 122 1.74 9.74 -6.04
C TYR A 122 2.42 8.43 -6.37
N CYS A 123 2.28 7.46 -5.45
CA CYS A 123 2.99 6.18 -5.56
C CYS A 123 2.81 5.40 -6.82
N GLU A 124 1.63 5.53 -7.44
CA GLU A 124 1.38 4.71 -8.61
C GLU A 124 1.77 5.37 -9.93
N GLN A 125 2.38 6.53 -9.85
CA GLN A 125 2.92 7.18 -11.06
C GLN A 125 4.21 6.53 -11.48
N MET A 126 4.44 6.45 -12.79
CA MET A 126 5.57 5.66 -13.29
C MET A 126 6.75 6.54 -13.62
N HIS A 127 7.88 6.29 -12.93
CA HIS A 127 9.07 7.18 -13.05
C HIS A 127 10.40 6.41 -12.87
N ALA A 128 11.48 6.98 -13.40
CA ALA A 128 12.84 6.46 -13.22
C ALA A 128 13.07 6.45 -11.71
N PHE A 129 14.19 5.80 -11.32
CA PHE A 129 14.41 5.60 -9.89
C PHE A 129 15.89 5.34 -9.61
N VAL A 130 16.36 5.47 -8.35
CA VAL A 130 17.77 5.18 -8.11
C VAL A 130 17.82 4.09 -6.96
N CYS A 131 18.65 3.06 -7.20
CA CYS A 131 18.91 1.97 -6.22
C CYS A 131 20.25 2.26 -5.55
N LYS A 132 20.36 1.78 -4.31
CA LYS A 132 21.57 1.94 -3.49
C LYS A 132 21.82 0.58 -2.87
N LEU A 133 23.09 0.16 -2.86
CA LEU A 133 23.44 -1.03 -2.07
C LEU A 133 24.76 -0.94 -1.36
N LEU A 134 24.95 -1.84 -0.38
CA LEU A 134 26.27 -2.16 0.16
C LEU A 134 26.80 -3.36 -0.64
N PRO A 135 27.99 -3.20 -1.27
CA PRO A 135 28.66 -4.22 -2.10
C PRO A 135 29.33 -5.34 -1.29
N CYS B 25 -29.30 29.62 15.92
CA CYS B 25 -28.07 30.29 15.34
C CYS B 25 -28.27 31.78 15.20
N PRO B 26 -27.19 32.55 15.44
CA PRO B 26 -27.31 34.00 15.31
C PRO B 26 -27.46 34.51 13.87
N SER B 27 -27.82 35.80 13.71
CA SER B 27 -28.09 36.38 12.41
C SER B 27 -26.88 36.16 11.48
N GLY B 28 -27.18 35.78 10.25
CA GLY B 28 -26.17 35.46 9.21
C GLY B 28 -25.58 34.04 9.25
N TRP B 29 -25.90 33.26 10.28
CA TRP B 29 -25.37 31.86 10.42
C TRP B 29 -26.56 30.91 10.24
N SER B 30 -26.27 29.68 9.79
CA SER B 30 -27.34 28.72 9.39
C SER B 30 -27.20 27.47 10.22
N SER B 31 -28.34 26.90 10.62
CA SER B 31 -28.32 25.85 11.64
C SER B 31 -28.35 24.45 11.03
N TYR B 32 -27.59 23.52 11.63
CA TYR B 32 -27.69 22.10 11.23
C TYR B 32 -27.21 21.23 12.38
N GLU B 33 -28.12 20.36 12.84
CA GLU B 33 -27.79 19.42 13.90
C GLU B 33 -26.99 20.01 15.04
N GLY B 34 -27.50 21.09 15.61
CA GLY B 34 -26.91 21.65 16.82
C GLY B 34 -25.67 22.50 16.60
N HIS B 35 -25.33 22.74 15.33
CA HIS B 35 -24.15 23.55 14.99
C HIS B 35 -24.56 24.67 14.09
N CYS B 36 -23.70 25.67 13.99
CA CYS B 36 -23.94 26.89 13.24
C CYS B 36 -22.80 27.09 12.25
N TYR B 37 -23.22 27.46 11.05
CA TYR B 37 -22.35 27.58 9.87
C TYR B 37 -22.53 28.88 9.09
N LYS B 38 -21.43 29.38 8.51
CA LYS B 38 -21.54 30.58 7.69
C LYS B 38 -20.46 30.55 6.62
N PRO B 39 -20.85 30.73 5.35
CA PRO B 39 -19.88 30.77 4.28
C PRO B 39 -19.30 32.16 4.05
N PHE B 40 -18.07 32.19 3.56
CA PHE B 40 -17.32 33.44 3.33
C PHE B 40 -16.64 33.34 1.99
N ASN B 41 -16.90 34.34 1.13
CA ASN B 41 -16.33 34.35 -0.22
C ASN B 41 -14.99 35.08 -0.35
N GLU B 42 -14.50 35.65 0.73
CA GLU B 42 -13.28 36.44 0.69
C GLU B 42 -12.12 35.46 0.61
N PRO B 43 -11.30 35.48 -0.48
CA PRO B 43 -10.24 34.48 -0.59
C PRO B 43 -9.20 34.66 0.48
N LYS B 44 -8.89 33.58 1.18
CA LYS B 44 -7.78 33.58 2.18
C LYS B 44 -7.00 32.30 2.10
N ASN B 45 -5.75 32.31 2.55
CA ASN B 45 -5.03 31.05 2.75
C ASN B 45 -5.55 30.27 3.98
N TRP B 46 -5.10 29.02 4.14
CA TRP B 46 -5.74 28.12 5.09
C TRP B 46 -5.61 28.71 6.50
N ALA B 47 -4.39 29.15 6.79
CA ALA B 47 -4.12 29.63 8.17
C ALA B 47 -4.90 30.91 8.47
N ASP B 48 -4.98 31.82 7.50
CA ASP B 48 -5.70 33.07 7.67
C ASP B 48 -7.20 32.85 7.77
N ALA B 49 -7.72 31.88 6.97
CA ALA B 49 -9.13 31.52 7.12
C ALA B 49 -9.49 30.97 8.53
N GLU B 50 -8.66 30.06 9.01
CA GLU B 50 -8.85 29.41 10.30
C GLU B 50 -8.79 30.52 11.37
N ARG B 51 -7.82 31.41 11.23
CA ARG B 51 -7.71 32.55 12.17
C ARG B 51 -8.95 33.42 12.16
N PHE B 52 -9.43 33.72 10.94
CA PHE B 52 -10.61 34.51 10.84
C PHE B 52 -11.78 33.88 11.56
N CYS B 53 -11.96 32.56 11.39
CA CYS B 53 -13.08 31.86 12.01
C CYS B 53 -12.99 32.02 13.55
N LYS B 54 -11.77 31.90 14.04
CA LYS B 54 -11.48 32.01 15.50
C LYS B 54 -11.84 33.39 16.05
N LEU B 55 -11.71 34.40 15.20
CA LEU B 55 -11.90 35.85 15.58
C LEU B 55 -13.35 36.34 15.45
N GLN B 56 -14.29 35.50 14.95
CA GLN B 56 -15.71 35.91 14.94
C GLN B 56 -16.34 35.98 16.34
N PRO B 57 -17.41 36.78 16.51
CA PRO B 57 -18.08 36.94 17.85
C PRO B 57 -18.29 35.62 18.64
N LYS B 58 -18.84 34.60 18.01
CA LYS B 58 -18.77 33.24 18.56
C LYS B 58 -17.54 32.59 17.91
N HIS B 59 -16.53 32.27 18.74
CA HIS B 59 -15.26 31.70 18.34
C HIS B 59 -15.63 30.45 17.50
N SER B 60 -15.18 30.41 16.24
CA SER B 60 -15.48 29.26 15.40
C SER B 60 -14.20 28.68 14.77
N HIS B 61 -14.36 27.64 13.93
CA HIS B 61 -13.23 27.03 13.28
C HIS B 61 -13.68 26.77 11.85
N LEU B 62 -12.72 26.55 10.99
CA LEU B 62 -13.08 26.10 9.58
C LEU B 62 -13.96 24.89 9.75
N VAL B 63 -14.88 24.69 8.80
CA VAL B 63 -15.84 23.60 8.90
C VAL B 63 -15.16 22.21 8.95
N SER B 64 -15.75 21.33 9.78
CA SER B 64 -15.37 19.91 9.88
C SER B 64 -16.56 19.10 9.47
N PHE B 65 -16.31 17.90 8.89
CA PHE B 65 -17.45 17.13 8.38
C PHE B 65 -17.48 15.81 9.14
N GLN B 66 -18.58 15.53 9.83
CA GLN B 66 -18.67 14.32 10.58
C GLN B 66 -19.55 13.25 9.88
N SER B 67 -20.16 13.67 8.76
CA SER B 67 -20.93 12.69 8.00
C SER B 67 -21.15 13.28 6.61
N ALA B 68 -21.60 12.37 5.72
CA ALA B 68 -21.98 12.77 4.37
C ALA B 68 -23.18 13.73 4.33
N GLU B 69 -24.17 13.51 5.17
CA GLU B 69 -25.30 14.38 5.34
C GLU B 69 -24.87 15.80 5.75
N GLU B 70 -23.89 15.88 6.65
CA GLU B 70 -23.37 17.22 7.00
C GLU B 70 -22.68 17.88 5.82
N ALA B 71 -21.90 17.10 5.07
CA ALA B 71 -21.24 17.64 3.86
C ALA B 71 -22.28 18.10 2.83
N ASP B 72 -23.37 17.38 2.71
CA ASP B 72 -24.43 17.78 1.80
C ASP B 72 -25.10 19.07 2.23
N PHE B 73 -25.36 19.22 3.53
CA PHE B 73 -25.90 20.47 4.05
C PHE B 73 -24.97 21.66 3.69
N VAL B 74 -23.68 21.50 3.96
CA VAL B 74 -22.71 22.58 3.74
C VAL B 74 -22.62 22.98 2.28
N VAL B 75 -22.63 21.99 1.40
CA VAL B 75 -22.59 22.29 0.01
C VAL B 75 -23.85 23.03 -0.46
N LYS B 76 -25.00 22.69 0.10
CA LYS B 76 -26.24 23.45 -0.14
C LYS B 76 -26.07 24.90 0.25
N LEU B 77 -25.38 25.12 1.39
CA LEU B 77 -25.07 26.45 1.94
C LEU B 77 -24.09 27.25 1.11
N THR B 78 -23.13 26.57 0.49
CA THR B 78 -22.06 27.27 -0.20
C THR B 78 -22.48 27.59 -1.62
N ARG B 79 -23.24 26.69 -2.23
CA ARG B 79 -23.55 26.73 -3.67
C ARG B 79 -24.02 28.11 -4.16
N PRO B 80 -24.98 28.74 -3.45
CA PRO B 80 -25.53 30.06 -3.83
C PRO B 80 -24.51 31.16 -4.02
N ARG B 81 -23.63 31.42 -3.03
CA ARG B 81 -22.70 32.54 -3.17
C ARG B 81 -21.26 32.17 -3.44
N LEU B 82 -20.81 30.99 -3.03
CA LEU B 82 -19.41 30.63 -3.26
C LEU B 82 -19.27 29.95 -4.63
N LYS B 83 -20.29 29.19 -5.01
CA LYS B 83 -20.37 28.54 -6.32
C LYS B 83 -19.29 27.50 -6.45
N ALA B 84 -18.61 27.54 -7.59
CA ALA B 84 -17.58 26.57 -7.89
C ALA B 84 -16.19 26.97 -7.30
N ASN B 85 -16.12 28.08 -6.56
CA ASN B 85 -14.91 28.35 -5.81
C ASN B 85 -14.52 27.17 -4.92
N LEU B 86 -13.22 27.01 -4.70
CA LEU B 86 -12.71 26.00 -3.76
C LEU B 86 -12.96 26.61 -2.39
N VAL B 87 -13.22 25.74 -1.42
CA VAL B 87 -13.68 26.19 -0.09
C VAL B 87 -12.85 25.38 0.93
N TRP B 88 -12.18 26.06 1.86
CA TRP B 88 -11.42 25.31 2.78
C TRP B 88 -12.24 24.53 3.86
N MET B 89 -11.72 23.38 4.26
CA MET B 89 -12.21 22.65 5.44
C MET B 89 -11.09 22.61 6.43
N GLY B 90 -11.38 22.18 7.67
CA GLY B 90 -10.39 22.28 8.76
C GLY B 90 -9.37 21.19 8.89
N LEU B 91 -8.80 20.75 7.76
CA LEU B 91 -7.68 19.78 7.74
C LEU B 91 -6.45 20.41 7.12
N SER B 92 -5.35 20.47 7.91
CA SER B 92 -4.12 21.14 7.48
C SER B 92 -2.91 20.25 7.61
N ASN B 93 -1.91 20.56 6.79
CA ASN B 93 -0.61 19.88 6.78
C ASN B 93 -0.78 18.39 6.71
N ILE B 94 -1.55 17.96 5.72
CA ILE B 94 -1.99 16.57 5.62
C ILE B 94 -0.91 15.50 5.32
N TRP B 95 0.29 15.94 4.93
CA TRP B 95 1.40 15.04 4.61
C TRP B 95 2.44 15.02 5.67
N HIS B 96 2.16 15.73 6.76
CA HIS B 96 3.00 15.67 7.96
C HIS B 96 2.33 14.72 8.95
N GLY B 97 3.12 13.92 9.67
CA GLY B 97 2.57 12.89 10.56
C GLY B 97 2.23 11.58 9.88
N CYS B 98 2.86 11.34 8.72
CA CYS B 98 2.69 10.11 7.96
C CYS B 98 3.68 9.02 8.30
N ASN B 99 4.52 9.23 9.30
CA ASN B 99 5.60 8.26 9.62
C ASN B 99 6.44 7.84 8.41
N TRP B 100 7.06 8.83 7.80
CA TRP B 100 7.98 8.65 6.73
C TRP B 100 9.19 7.86 7.24
N GLN B 101 9.57 6.86 6.46
CA GLN B 101 10.73 6.02 6.70
C GLN B 101 11.41 5.62 5.40
N TRP B 102 12.65 5.18 5.52
CA TRP B 102 13.39 4.65 4.37
C TRP B 102 13.09 3.18 4.11
N SER B 103 12.92 2.77 2.86
CA SER B 103 12.63 1.39 2.56
C SER B 103 13.79 0.42 2.99
N ASP B 104 14.99 0.95 3.17
CA ASP B 104 16.15 0.12 3.55
C ASP B 104 16.32 0.14 5.05
N GLY B 105 15.44 0.83 5.78
CA GLY B 105 15.57 0.87 7.26
C GLY B 105 16.58 1.83 7.85
N ALA B 106 17.24 2.65 7.03
CA ALA B 106 18.14 3.71 7.52
C ALA B 106 17.39 4.72 8.40
N ARG B 107 18.11 5.32 9.34
CA ARG B 107 17.54 6.33 10.21
C ARG B 107 17.21 7.58 9.41
N LEU B 108 16.06 8.18 9.68
CA LEU B 108 15.69 9.42 9.02
C LEU B 108 16.09 10.59 9.94
N ASN B 109 17.40 10.84 9.99
CA ASN B 109 18.01 11.93 10.74
C ASN B 109 18.10 13.15 9.84
N TYR B 110 18.89 13.03 8.79
CA TYR B 110 19.01 14.05 7.78
C TYR B 110 17.66 14.18 7.06
N LYS B 111 17.24 15.42 6.83
CA LYS B 111 15.96 15.70 6.16
C LYS B 111 16.22 16.76 5.10
N ASP B 112 15.59 16.62 3.95
CA ASP B 112 15.85 17.54 2.86
C ASP B 112 14.51 17.73 2.13
N TRP B 113 13.43 17.84 2.90
CA TRP B 113 12.13 18.05 2.28
C TRP B 113 12.02 19.44 1.72
N GLN B 114 11.35 19.54 0.57
CA GLN B 114 10.80 20.81 0.09
C GLN B 114 9.84 21.37 1.15
N GLU B 115 9.92 22.69 1.37
CA GLU B 115 9.04 23.37 2.31
C GLU B 115 7.76 23.62 1.55
N GLN B 116 6.77 22.74 1.75
CA GLN B 116 5.43 22.93 1.21
C GLN B 116 4.50 22.19 2.17
N SER B 117 3.28 22.69 2.35
CA SER B 117 2.29 22.09 3.24
C SER B 117 1.04 22.00 2.39
N GLU B 118 0.27 20.92 2.51
CA GLU B 118 -1.06 20.83 1.87
C GLU B 118 -2.19 20.77 2.87
N CYS B 119 -3.33 21.27 2.43
CA CYS B 119 -4.52 21.34 3.26
C CYS B 119 -5.69 20.90 2.36
N LEU B 120 -6.82 20.61 2.96
CA LEU B 120 -7.95 20.08 2.15
C LEU B 120 -9.04 21.09 1.93
N ALA B 121 -9.62 21.04 0.69
CA ALA B 121 -10.67 21.96 0.31
C ALA B 121 -11.73 21.15 -0.47
N PHE B 122 -12.89 21.74 -0.64
CA PHE B 122 -13.95 21.10 -1.43
C PHE B 122 -14.47 22.12 -2.41
N ARG B 123 -15.05 21.65 -3.51
CA ARG B 123 -15.61 22.64 -4.37
C ARG B 123 -16.95 22.98 -3.79
N GLY B 124 -17.33 24.23 -3.95
CA GLY B 124 -18.54 24.73 -3.31
C GLY B 124 -19.85 24.12 -3.80
N VAL B 125 -19.78 23.27 -4.84
CA VAL B 125 -20.93 22.53 -5.40
C VAL B 125 -20.86 20.96 -5.25
N HIS B 126 -19.72 20.42 -4.83
CA HIS B 126 -19.59 18.96 -4.68
C HIS B 126 -18.85 18.60 -3.41
N THR B 127 -19.08 17.39 -2.92
CA THR B 127 -18.55 17.04 -1.58
C THR B 127 -17.15 16.41 -1.60
N GLU B 128 -16.65 16.08 -2.79
CA GLU B 128 -15.30 15.53 -2.99
C GLU B 128 -14.17 16.47 -2.50
N TRP B 129 -13.29 15.91 -1.67
CA TRP B 129 -12.14 16.66 -1.18
C TRP B 129 -11.02 16.86 -2.27
N LEU B 130 -10.28 17.98 -2.17
CA LEU B 130 -9.14 18.20 -3.02
C LEU B 130 -7.97 18.69 -2.18
N ASN B 131 -6.78 18.11 -2.38
CA ASN B 131 -5.55 18.59 -1.67
C ASN B 131 -5.03 19.85 -2.38
N MET B 132 -4.72 20.91 -1.63
CA MET B 132 -4.24 22.18 -2.20
C MET B 132 -3.03 22.63 -1.38
N ASP B 133 -2.16 23.43 -1.99
CA ASP B 133 -1.11 24.10 -1.20
C ASP B 133 -1.75 24.97 -0.09
N CYS B 134 -1.25 24.91 1.15
CA CYS B 134 -1.91 25.74 2.15
C CYS B 134 -1.82 27.26 1.95
N SER B 135 -0.94 27.70 1.03
CA SER B 135 -0.77 29.11 0.77
C SER B 135 -1.62 29.55 -0.43
N SER B 136 -2.31 28.62 -1.08
CA SER B 136 -3.33 29.05 -2.05
C SER B 136 -4.48 29.81 -1.35
N THR B 137 -5.21 30.61 -2.07
CA THR B 137 -6.31 31.36 -1.40
C THR B 137 -7.62 30.76 -1.86
N CYS B 138 -8.50 30.49 -0.90
CA CYS B 138 -9.81 29.81 -1.20
C CYS B 138 -10.90 30.58 -0.40
N SER B 139 -12.15 30.36 -0.77
CA SER B 139 -13.30 30.71 0.07
C SER B 139 -13.25 29.72 1.27
N PHE B 140 -14.15 29.90 2.22
CA PHE B 140 -14.19 29.02 3.37
C PHE B 140 -15.54 29.08 4.06
N VAL B 141 -15.77 28.11 4.96
CA VAL B 141 -16.95 28.10 5.79
C VAL B 141 -16.49 27.95 7.25
N CYS B 142 -17.14 28.75 8.10
CA CYS B 142 -16.88 28.61 9.53
C CYS B 142 -17.98 27.84 10.20
N LYS B 143 -17.66 27.27 11.38
CA LYS B 143 -18.58 26.42 12.09
C LYS B 143 -18.35 26.51 13.58
N PHE B 144 -19.44 26.52 14.35
CA PHE B 144 -19.31 26.37 15.84
C PHE B 144 -20.52 25.60 16.37
N LYS B 145 -20.39 25.11 17.59
CA LYS B 145 -21.50 24.42 18.23
C LYS B 145 -22.40 25.40 18.97
N ALA B 146 -23.68 25.36 18.68
CA ALA B 146 -24.64 26.28 19.30
C ALA B 146 -24.84 26.00 20.78
N GLU C 3 -27.70 5.96 15.54
CA GLU C 3 -28.39 4.63 15.48
C GLU C 3 -29.36 4.68 14.30
N ASP C 4 -29.96 3.54 13.98
CA ASP C 4 -30.81 3.38 12.80
C ASP C 4 -29.99 3.37 11.51
N CYS C 5 -30.16 2.26 10.78
CA CYS C 5 -29.55 2.12 9.48
C CYS C 5 -30.36 2.95 8.52
N ASP C 6 -29.63 3.61 7.65
CA ASP C 6 -30.20 4.47 6.65
C ASP C 6 -30.72 3.61 5.51
N PHE C 7 -31.48 4.25 4.63
CA PHE C 7 -31.96 3.58 3.42
C PHE C 7 -30.81 2.86 2.70
N GLY C 8 -31.03 1.60 2.32
CA GLY C 8 -30.04 0.84 1.58
C GLY C 8 -29.13 0.00 2.46
N TRP C 9 -29.12 0.28 3.76
CA TRP C 9 -28.23 -0.42 4.69
C TRP C 9 -29.02 -1.45 5.53
N SER C 10 -28.37 -2.54 5.89
CA SER C 10 -29.01 -3.69 6.58
C SER C 10 -28.46 -3.81 7.98
N PRO C 11 -29.34 -3.97 8.96
CA PRO C 11 -28.88 -4.06 10.37
C PRO C 11 -28.49 -5.48 10.74
N TYR C 12 -27.41 -5.62 11.53
CA TYR C 12 -27.05 -6.88 12.16
C TYR C 12 -26.37 -6.45 13.45
N ASP C 13 -26.80 -7.03 14.58
CA ASP C 13 -26.28 -6.57 15.91
C ASP C 13 -26.31 -5.02 15.99
N GLN C 14 -25.20 -4.35 16.38
CA GLN C 14 -25.23 -2.90 16.55
C GLN C 14 -24.70 -2.14 15.33
N HIS C 15 -24.46 -2.86 14.24
CA HIS C 15 -23.85 -2.24 13.03
C HIS C 15 -24.82 -2.27 11.86
N CYS C 16 -24.46 -1.46 10.85
CA CYS C 16 -25.23 -1.39 9.58
C CYS C 16 -24.27 -1.83 8.46
N TYR C 17 -24.82 -2.51 7.45
CA TYR C 17 -23.95 -3.08 6.46
C TYR C 17 -24.57 -2.85 5.07
N GLN C 18 -23.71 -2.78 4.08
CA GLN C 18 -24.25 -2.72 2.69
C GLN C 18 -23.27 -3.33 1.76
N ALA C 19 -23.77 -4.19 0.81
CA ALA C 19 -22.91 -4.82 -0.19
C ALA C 19 -23.08 -4.01 -1.50
N PHE C 20 -21.97 -3.62 -2.11
CA PHE C 20 -21.97 -2.74 -3.30
C PHE C 20 -21.47 -3.55 -4.44
N ASN C 21 -22.20 -3.47 -5.57
CA ASN C 21 -21.72 -4.21 -6.73
C ASN C 21 -20.79 -3.39 -7.60
N GLU C 22 -20.71 -2.06 -7.41
CA GLU C 22 -19.60 -1.22 -7.98
C GLU C 22 -18.29 -2.00 -7.83
N GLN C 23 -17.55 -2.20 -8.91
CA GLN C 23 -16.27 -2.91 -8.79
C GLN C 23 -15.09 -1.97 -8.55
N LYS C 24 -14.41 -2.13 -7.41
CA LYS C 24 -13.35 -1.22 -6.98
C LYS C 24 -12.17 -2.04 -6.43
N THR C 25 -10.98 -1.43 -6.51
CA THR C 25 -9.74 -2.05 -5.92
C THR C 25 -10.03 -2.04 -4.41
N TRP C 26 -9.21 -2.75 -3.69
CA TRP C 26 -9.37 -2.78 -2.20
C TRP C 26 -9.29 -1.34 -1.66
N ASP C 27 -8.25 -0.60 -2.03
CA ASP C 27 -8.07 0.80 -1.55
C ASP C 27 -9.23 1.70 -1.94
N GLU C 28 -9.72 1.60 -3.17
CA GLU C 28 -10.85 2.42 -3.56
C GLU C 28 -12.14 2.04 -2.80
N ALA C 29 -12.29 0.76 -2.51
CA ALA C 29 -13.45 0.28 -1.81
C ALA C 29 -13.42 0.82 -0.38
N GLU C 30 -12.28 0.69 0.27
CA GLU C 30 -12.13 1.27 1.65
C GLU C 30 -12.41 2.76 1.63
N LYS C 31 -11.85 3.49 0.67
CA LYS C 31 -12.14 4.95 0.51
C LYS C 31 -13.62 5.26 0.33
N PHE C 32 -14.30 4.47 -0.52
CA PHE C 32 -15.70 4.63 -0.71
C PHE C 32 -16.51 4.39 0.57
N CYS C 33 -16.13 3.38 1.36
CA CYS C 33 -16.84 3.14 2.57
C CYS C 33 -16.63 4.33 3.53
N ARG C 34 -15.43 4.89 3.53
CA ARG C 34 -15.17 6.01 4.51
C ARG C 34 -15.98 7.24 4.14
N ALA C 35 -16.43 7.32 2.85
CA ALA C 35 -17.26 8.41 2.41
C ALA C 35 -18.77 8.21 2.62
N GLN C 36 -19.17 7.06 3.20
CA GLN C 36 -20.54 6.81 3.48
C GLN C 36 -20.94 7.18 4.88
N GLU C 37 -22.10 7.82 5.00
CA GLU C 37 -22.74 8.10 6.29
C GLU C 37 -21.71 8.79 7.23
N ASN C 38 -21.56 8.29 8.46
CA ASN C 38 -20.58 8.86 9.37
C ASN C 38 -19.18 8.24 9.31
N GLY C 39 -18.84 7.55 8.19
CA GLY C 39 -17.50 7.01 8.03
C GLY C 39 -17.57 5.52 8.25
N ALA C 40 -17.91 4.78 7.18
CA ALA C 40 -17.88 3.30 7.27
C ALA C 40 -16.47 2.74 6.91
N HIS C 41 -16.28 1.43 6.95
CA HIS C 41 -15.07 0.81 6.51
C HIS C 41 -15.45 -0.45 5.83
N LEU C 42 -14.52 -1.02 5.09
CA LEU C 42 -14.72 -2.42 4.62
C LEU C 42 -15.05 -3.30 5.79
N ALA C 43 -15.94 -4.23 5.64
CA ALA C 43 -16.44 -5.02 6.80
C ALA C 43 -15.37 -5.82 7.53
N SER C 44 -15.34 -5.70 8.87
CA SER C 44 -14.65 -6.67 9.71
CA SER C 44 -14.63 -6.70 9.66
C SER C 44 -15.66 -7.79 10.07
N ILE C 45 -15.18 -8.99 10.30
CA ILE C 45 -16.01 -10.18 10.56
CA ILE C 45 -16.07 -10.09 10.62
C ILE C 45 -15.51 -10.72 11.91
N GLU C 46 -16.34 -10.64 12.95
CA GLU C 46 -15.80 -10.87 14.30
CA GLU C 46 -15.86 -10.82 14.33
C GLU C 46 -16.46 -12.04 15.03
N SER C 47 -17.31 -12.78 14.34
CA SER C 47 -17.93 -13.96 14.93
C SER C 47 -18.53 -14.81 13.85
N ASN C 48 -18.92 -16.05 14.22
CA ASN C 48 -19.63 -16.94 13.30
C ASN C 48 -20.93 -16.36 12.87
N GLY C 49 -21.65 -15.68 13.79
CA GLY C 49 -22.98 -15.13 13.40
C GLY C 49 -22.76 -14.00 12.38
N GLU C 50 -21.70 -13.24 12.55
CA GLU C 50 -21.46 -12.11 11.59
C GLU C 50 -21.00 -12.65 10.24
N ALA C 51 -20.19 -13.69 10.28
CA ALA C 51 -19.81 -14.39 9.01
C ALA C 51 -21.06 -14.87 8.30
N ASP C 52 -22.00 -15.50 9.04
CA ASP C 52 -23.26 -15.96 8.42
C ASP C 52 -24.03 -14.79 7.79
N PHE C 53 -24.06 -13.68 8.52
CA PHE C 53 -24.83 -12.54 8.14
C PHE C 53 -24.25 -11.98 6.85
N VAL C 54 -22.93 -11.76 6.84
CA VAL C 54 -22.30 -11.15 5.63
C VAL C 54 -22.48 -12.06 4.40
N SER C 55 -22.33 -13.38 4.59
CA SER C 55 -22.55 -14.32 3.48
C SER C 55 -23.98 -14.17 2.92
N TRP C 56 -24.96 -14.14 3.83
CA TRP C 56 -26.38 -13.96 3.48
C TRP C 56 -26.64 -12.64 2.74
N LEU C 57 -26.01 -11.57 3.21
CA LEU C 57 -26.20 -10.22 2.67
C LEU C 57 -25.72 -10.25 1.21
N ILE C 58 -24.61 -10.92 0.94
CA ILE C 58 -24.03 -10.91 -0.42
C ILE C 58 -24.97 -11.76 -1.27
N SER C 59 -25.44 -12.86 -0.69
CA SER C 59 -26.38 -13.75 -1.37
C SER C 59 -27.72 -13.07 -1.71
N GLN C 60 -28.12 -12.04 -0.95
CA GLN C 60 -29.34 -11.26 -1.20
C GLN C 60 -29.23 -10.27 -2.38
N LYS C 61 -28.01 -10.01 -2.84
CA LYS C 61 -27.70 -9.00 -3.85
C LYS C 61 -27.73 -9.66 -5.24
N ASP C 62 -28.82 -9.40 -5.97
CA ASP C 62 -29.03 -9.94 -7.31
C ASP C 62 -27.88 -9.55 -8.29
N GLU C 63 -27.48 -8.29 -8.22
CA GLU C 63 -26.40 -7.78 -9.07
C GLU C 63 -25.00 -8.40 -8.84
N LEU C 64 -24.85 -9.15 -7.74
CA LEU C 64 -23.59 -9.80 -7.39
C LEU C 64 -23.53 -11.25 -7.85
N ALA C 65 -24.48 -11.63 -8.72
CA ALA C 65 -24.68 -13.03 -9.12
C ALA C 65 -23.44 -13.68 -9.72
N ASP C 66 -22.74 -12.96 -10.59
CA ASP C 66 -21.54 -13.50 -11.23
C ASP C 66 -20.19 -13.02 -10.64
N GLU C 67 -20.21 -12.41 -9.47
CA GLU C 67 -18.95 -11.92 -8.89
C GLU C 67 -18.18 -13.12 -8.25
N ASP C 68 -16.84 -13.19 -8.43
CA ASP C 68 -16.05 -14.27 -7.85
C ASP C 68 -15.47 -13.90 -6.50
N TYR C 69 -15.28 -12.62 -6.32
CA TYR C 69 -14.64 -12.16 -5.02
C TYR C 69 -15.34 -10.93 -4.53
N VAL C 70 -15.41 -10.76 -3.17
CA VAL C 70 -16.01 -9.58 -2.64
C VAL C 70 -15.02 -9.09 -1.53
N TRP C 71 -14.56 -7.86 -1.64
CA TRP C 71 -13.52 -7.35 -0.64
C TRP C 71 -14.17 -7.21 0.69
N ILE C 72 -13.37 -7.52 1.75
CA ILE C 72 -13.74 -7.21 3.13
C ILE C 72 -12.49 -6.53 3.70
N GLY C 73 -12.48 -6.19 5.02
CA GLY C 73 -11.48 -5.22 5.48
C GLY C 73 -10.14 -5.77 5.97
N LEU C 74 -9.81 -7.02 5.60
CA LEU C 74 -8.55 -7.69 5.97
C LEU C 74 -7.44 -7.17 5.13
N ARG C 75 -6.38 -6.68 5.78
CA ARG C 75 -5.29 -6.08 5.04
C ARG C 75 -3.98 -6.40 5.73
N ALA C 76 -3.00 -6.86 4.96
CA ALA C 76 -1.70 -7.20 5.59
C ALA C 76 -0.93 -5.94 5.91
N GLN C 77 -0.37 -5.87 7.13
CA GLN C 77 0.40 -4.69 7.53
C GLN C 77 1.92 -4.76 7.38
N ASN C 78 2.46 -5.98 7.25
CA ASN C 78 3.89 -6.23 6.92
C ASN C 78 4.15 -5.50 5.60
N LYS C 79 5.24 -4.74 5.53
CA LYS C 79 5.65 -4.05 4.30
C LYS C 79 6.24 -4.93 3.20
N GLU C 80 6.72 -6.12 3.56
CA GLU C 80 7.32 -7.03 2.56
C GLU C 80 6.27 -7.51 1.56
N GLN C 81 6.72 -7.82 0.36
CA GLN C 81 5.83 -8.30 -0.67
C GLN C 81 5.53 -9.81 -0.61
N GLN C 82 6.28 -10.53 0.21
CA GLN C 82 6.02 -11.93 0.52
C GLN C 82 6.51 -12.03 1.99
N CYS C 83 5.82 -12.80 2.80
CA CYS C 83 6.01 -12.64 4.27
C CYS C 83 6.87 -13.70 4.94
N SER C 84 7.54 -14.53 4.16
CA SER C 84 8.58 -15.44 4.72
C SER C 84 9.92 -14.75 4.74
N SER C 85 10.41 -14.41 5.92
CA SER C 85 11.67 -13.70 5.97
C SER C 85 12.90 -14.60 6.11
N GLU C 86 12.69 -15.91 6.23
CA GLU C 86 13.79 -16.88 6.21
C GLU C 86 13.61 -18.00 5.21
N TRP C 87 14.68 -18.32 4.51
CA TRP C 87 14.70 -19.50 3.65
C TRP C 87 14.66 -20.77 4.49
N SER C 88 14.30 -21.87 3.88
CA SER C 88 14.25 -23.17 4.61
C SER C 88 15.62 -23.58 5.16
N ASP C 89 16.68 -23.09 4.51
CA ASP C 89 18.05 -23.29 5.00
C ASP C 89 18.43 -22.38 6.16
N GLY C 90 17.50 -21.53 6.61
CA GLY C 90 17.79 -20.70 7.77
C GLY C 90 18.33 -19.32 7.49
N SER C 91 18.79 -19.07 6.27
CA SER C 91 19.36 -17.76 5.97
C SER C 91 18.21 -16.74 5.77
N SER C 92 18.53 -15.47 6.01
CA SER C 92 17.57 -14.38 5.89
C SER C 92 17.36 -14.05 4.43
N VAL C 93 16.15 -13.59 4.12
CA VAL C 93 15.85 -13.18 2.75
C VAL C 93 16.37 -11.72 2.54
N SER C 94 17.18 -11.51 1.51
CA SER C 94 17.64 -10.15 1.14
C SER C 94 17.24 -9.96 -0.34
N TYR C 95 18.03 -10.52 -1.25
CA TYR C 95 17.63 -10.63 -2.63
C TYR C 95 16.24 -11.22 -2.75
N GLU C 96 15.42 -10.63 -3.67
CA GLU C 96 14.09 -11.16 -3.99
C GLU C 96 13.87 -10.85 -5.43
N ASN C 97 13.18 -11.70 -6.15
CA ASN C 97 12.89 -11.37 -7.52
C ASN C 97 11.40 -11.46 -7.78
N LEU C 98 10.70 -10.43 -7.27
CA LEU C 98 9.24 -10.39 -7.34
C LEU C 98 8.69 -9.50 -8.47
N ILE C 99 9.53 -9.23 -9.46
CA ILE C 99 9.23 -8.11 -10.36
C ILE C 99 8.02 -8.39 -11.25
N ASP C 100 7.74 -9.65 -11.51
CA ASP C 100 6.61 -9.99 -12.37
C ASP C 100 5.26 -10.12 -11.65
N LEU C 101 5.30 -10.12 -10.32
CA LEU C 101 4.15 -10.42 -9.47
C LEU C 101 3.46 -9.18 -8.91
N HIS C 102 2.22 -9.37 -8.44
CA HIS C 102 1.44 -8.26 -7.89
C HIS C 102 1.03 -8.51 -6.49
N THR C 103 0.80 -7.42 -5.74
CA THR C 103 0.51 -7.58 -4.32
C THR C 103 -0.72 -8.52 -4.10
N LYS C 104 -0.57 -9.57 -3.27
CA LYS C 104 -1.73 -10.37 -2.67
C LYS C 104 -2.05 -10.18 -1.13
N LYS C 105 -2.09 -8.93 -0.68
CA LYS C 105 -2.07 -8.63 0.76
C LYS C 105 -3.40 -8.05 1.19
N CYS C 106 -4.45 -8.33 0.41
CA CYS C 106 -5.83 -7.93 0.73
C CYS C 106 -6.76 -9.12 0.90
N GLY C 107 -7.71 -9.05 1.85
CA GLY C 107 -8.62 -10.16 2.07
C GLY C 107 -10.02 -10.03 1.38
N ALA C 108 -10.58 -11.18 1.02
CA ALA C 108 -11.85 -11.21 0.31
C ALA C 108 -12.66 -12.44 0.72
N LEU C 109 -13.97 -12.39 0.43
CA LEU C 109 -14.83 -13.56 0.49
C LEU C 109 -14.92 -14.07 -0.94
N GLU C 110 -15.08 -15.37 -1.10
CA GLU C 110 -15.08 -15.87 -2.47
C GLU C 110 -16.28 -16.75 -2.80
N LYS C 111 -16.82 -16.59 -4.02
CA LYS C 111 -18.00 -17.35 -4.42
C LYS C 111 -17.81 -18.86 -4.31
N LEU C 112 -16.61 -19.32 -4.61
CA LEU C 112 -16.31 -20.75 -4.65
C LEU C 112 -16.63 -21.40 -3.32
N THR C 113 -16.39 -20.69 -2.23
CA THR C 113 -16.65 -21.27 -0.94
C THR C 113 -17.79 -20.55 -0.20
N GLY C 114 -18.77 -20.06 -0.93
CA GLY C 114 -20.01 -19.63 -0.34
C GLY C 114 -19.92 -18.27 0.34
N PHE C 115 -18.87 -17.51 0.01
CA PHE C 115 -18.61 -16.19 0.65
C PHE C 115 -18.53 -16.29 2.19
N ARG C 116 -17.83 -17.32 2.64
CA ARG C 116 -17.64 -17.49 4.07
C ARG C 116 -16.12 -17.48 4.41
N LYS C 117 -15.37 -18.44 3.95
CA LYS C 117 -13.99 -18.46 4.32
C LYS C 117 -13.21 -17.28 3.70
N TRP C 118 -12.32 -16.71 4.49
CA TRP C 118 -11.44 -15.66 3.99
C TRP C 118 -10.35 -16.21 3.07
N VAL C 119 -10.05 -15.45 2.02
CA VAL C 119 -8.92 -15.77 1.15
C VAL C 119 -8.13 -14.45 0.92
N ASN C 120 -6.84 -14.51 0.60
CA ASN C 120 -6.11 -13.34 0.21
C ASN C 120 -6.12 -13.21 -1.31
N TYR C 121 -6.15 -11.99 -1.80
CA TYR C 121 -6.18 -11.85 -3.29
C TYR C 121 -5.50 -10.56 -3.67
N TYR C 122 -5.51 -10.25 -4.95
CA TYR C 122 -4.71 -9.18 -5.47
C TYR C 122 -5.39 -7.81 -5.26
N CYS C 123 -4.80 -6.99 -4.38
CA CYS C 123 -5.39 -5.67 -3.99
C CYS C 123 -5.83 -4.73 -5.09
N GLU C 124 -5.12 -4.78 -6.21
CA GLU C 124 -5.37 -3.83 -7.31
C GLU C 124 -6.45 -4.31 -8.25
N GLN C 125 -7.02 -5.50 -7.98
CA GLN C 125 -8.16 -5.96 -8.79
C GLN C 125 -9.48 -5.36 -8.32
N MET C 126 -10.33 -5.06 -9.26
CA MET C 126 -11.64 -4.46 -9.01
C MET C 126 -12.68 -5.53 -8.76
N HIS C 127 -13.29 -5.44 -7.59
CA HIS C 127 -14.35 -6.35 -7.17
C HIS C 127 -15.41 -5.62 -6.36
N ALA C 128 -16.55 -6.28 -6.21
CA ALA C 128 -17.63 -5.85 -5.32
C ALA C 128 -17.04 -5.88 -3.86
N PHE C 129 -17.78 -5.27 -2.95
CA PHE C 129 -17.22 -5.15 -1.56
C PHE C 129 -18.35 -4.96 -0.56
N VAL C 130 -18.07 -5.07 0.77
CA VAL C 130 -19.17 -4.83 1.64
C VAL C 130 -18.65 -3.79 2.72
N CYS C 131 -19.45 -2.75 2.96
CA CYS C 131 -19.14 -1.69 4.02
C CYS C 131 -19.87 -2.07 5.29
N LYS C 132 -19.25 -1.69 6.40
CA LYS C 132 -19.81 -1.95 7.78
C LYS C 132 -19.70 -0.59 8.44
N LEU C 133 -20.76 -0.19 9.12
CA LEU C 133 -20.83 1.10 9.80
C LEU C 133 -21.31 0.95 11.27
N LEU C 134 -20.74 1.73 12.18
CA LEU C 134 -21.33 1.90 13.51
C LEU C 134 -21.96 3.29 13.49
N PRO C 135 -23.29 3.33 13.44
CA PRO C 135 -24.02 4.58 13.24
C PRO C 135 -23.92 5.49 14.45
N TYR C 136 -23.83 6.81 14.22
CA TYR C 136 -23.51 7.79 15.29
C TYR C 136 -23.14 9.15 14.68
N ASP D 24 34.59 -28.50 -2.83
CA ASP D 24 34.28 -29.19 -4.13
C ASP D 24 32.94 -29.95 -4.01
N CYS D 25 32.41 -30.41 -5.15
CA CYS D 25 31.07 -31.03 -5.25
C CYS D 25 31.06 -32.48 -5.76
N PRO D 26 30.21 -33.34 -5.17
CA PRO D 26 30.09 -34.74 -5.61
C PRO D 26 29.65 -34.81 -7.06
N SER D 27 29.77 -35.98 -7.68
CA SER D 27 29.31 -36.18 -9.06
C SER D 27 27.82 -35.94 -9.20
N GLY D 28 27.47 -35.25 -10.27
CA GLY D 28 26.05 -34.90 -10.57
C GLY D 28 25.58 -33.59 -9.95
N TRP D 29 26.41 -33.02 -9.07
CA TRP D 29 26.20 -31.69 -8.47
C TRP D 29 27.10 -30.64 -9.13
N SER D 30 26.70 -29.37 -9.06
CA SER D 30 27.50 -28.25 -9.59
C SER D 30 27.88 -27.18 -8.55
N SER D 31 29.10 -26.63 -8.72
CA SER D 31 29.70 -25.73 -7.75
C SER D 31 29.50 -24.24 -8.12
N TYR D 32 29.17 -23.42 -7.13
CA TYR D 32 29.13 -21.96 -7.30
C TYR D 32 29.37 -21.37 -5.93
N GLU D 33 30.36 -20.48 -5.85
CA GLU D 33 30.76 -19.78 -4.61
C GLU D 33 30.59 -20.62 -3.33
N GLY D 34 31.28 -21.76 -3.26
CA GLY D 34 31.28 -22.56 -2.04
C GLY D 34 30.08 -23.46 -1.73
N HIS D 35 29.13 -23.54 -2.66
CA HIS D 35 27.92 -24.36 -2.44
C HIS D 35 27.75 -25.27 -3.62
N CYS D 36 26.97 -26.34 -3.42
CA CYS D 36 26.73 -27.36 -4.42
C CYS D 36 25.27 -27.43 -4.71
N TYR D 37 24.94 -27.67 -5.97
CA TYR D 37 23.58 -27.53 -6.42
C TYR D 37 23.26 -28.68 -7.34
N LYS D 38 22.03 -29.19 -7.26
CA LYS D 38 21.60 -30.21 -8.18
C LYS D 38 20.13 -30.10 -8.48
N PRO D 39 19.77 -30.07 -9.77
CA PRO D 39 18.36 -30.09 -10.10
C PRO D 39 17.77 -31.48 -10.12
N PHE D 40 16.51 -31.61 -9.69
CA PHE D 40 15.71 -32.83 -9.85
C PHE D 40 14.41 -32.64 -10.60
N ASN D 41 14.16 -33.52 -11.57
CA ASN D 41 12.93 -33.51 -12.37
C ASN D 41 11.67 -34.14 -11.70
N GLU D 42 11.84 -35.11 -10.81
CA GLU D 42 10.67 -35.81 -10.21
C GLU D 42 9.70 -34.77 -9.59
N PRO D 43 8.50 -34.56 -10.20
CA PRO D 43 7.62 -33.56 -9.54
C PRO D 43 7.19 -33.96 -8.14
N LYS D 44 7.33 -33.01 -7.21
CA LYS D 44 6.93 -33.20 -5.81
C LYS D 44 6.28 -31.96 -5.27
N ASN D 45 5.42 -32.09 -4.26
CA ASN D 45 4.94 -30.87 -3.55
C ASN D 45 6.07 -30.24 -2.73
N TRP D 46 5.85 -29.05 -2.17
CA TRP D 46 6.95 -28.31 -1.54
C TRP D 46 7.55 -29.12 -0.41
N ALA D 47 6.68 -29.62 0.46
CA ALA D 47 7.14 -30.30 1.68
C ALA D 47 7.92 -31.56 1.29
N ASP D 48 7.42 -32.33 0.32
CA ASP D 48 8.11 -33.56 -0.13
C ASP D 48 9.46 -33.23 -0.80
N ALA D 49 9.51 -32.16 -1.59
CA ALA D 49 10.74 -31.70 -2.22
C ALA D 49 11.78 -31.31 -1.22
N GLU D 50 11.40 -30.50 -0.23
CA GLU D 50 12.31 -30.05 0.82
C GLU D 50 12.79 -31.26 1.59
N ARG D 51 11.90 -32.21 1.87
CA ARG D 51 12.31 -33.43 2.57
C ARG D 51 13.29 -34.27 1.72
N PHE D 52 13.04 -34.38 0.41
CA PHE D 52 13.96 -35.10 -0.50
C PHE D 52 15.38 -34.50 -0.38
N CYS D 53 15.50 -33.16 -0.32
CA CYS D 53 16.82 -32.52 -0.24
C CYS D 53 17.38 -32.86 1.12
N LYS D 54 16.53 -32.87 2.14
CA LYS D 54 17.03 -33.10 3.51
C LYS D 54 17.57 -34.55 3.67
N LEU D 55 17.06 -35.50 2.87
CA LEU D 55 17.45 -36.95 2.93
C LEU D 55 18.75 -37.22 2.14
N GLN D 56 19.31 -36.20 1.47
CA GLN D 56 20.54 -36.39 0.72
C GLN D 56 21.69 -36.75 1.66
N PRO D 57 22.69 -37.52 1.15
CA PRO D 57 23.85 -37.95 2.00
C PRO D 57 24.50 -36.82 2.77
N LYS D 58 24.71 -35.68 2.10
CA LYS D 58 24.90 -34.42 2.80
C LYS D 58 23.53 -33.72 2.89
N HIS D 59 23.05 -33.49 4.11
CA HIS D 59 21.68 -33.00 4.35
C HIS D 59 21.60 -31.66 3.59
N SER D 60 20.62 -31.52 2.69
CA SER D 60 20.54 -30.31 1.86
C SER D 60 19.17 -29.66 2.04
N HIS D 61 18.96 -28.57 1.27
CA HIS D 61 17.68 -27.83 1.39
C HIS D 61 17.29 -27.44 0.00
N LEU D 62 16.02 -27.10 -0.16
CA LEU D 62 15.64 -26.48 -1.43
C LEU D 62 16.52 -25.23 -1.66
N VAL D 63 16.78 -24.89 -2.92
CA VAL D 63 17.69 -23.78 -3.23
C VAL D 63 17.24 -22.45 -2.60
N SER D 64 18.19 -21.68 -2.07
CA SER D 64 17.95 -20.31 -1.67
C SER D 64 18.78 -19.40 -2.58
N PHE D 65 18.30 -18.17 -2.82
CA PHE D 65 19.03 -17.22 -3.65
C PHE D 65 19.46 -16.03 -2.81
N GLN D 66 20.76 -15.76 -2.77
CA GLN D 66 21.27 -14.61 -2.04
C GLN D 66 21.73 -13.44 -2.92
N SER D 67 21.68 -13.64 -4.22
CA SER D 67 22.11 -12.65 -5.21
C SER D 67 21.52 -12.99 -6.57
N ALA D 68 21.48 -11.96 -7.41
CA ALA D 68 21.12 -12.16 -8.81
C ALA D 68 22.09 -13.08 -9.54
N GLU D 69 23.38 -12.96 -9.25
CA GLU D 69 24.39 -13.81 -9.91
C GLU D 69 24.14 -15.29 -9.51
N GLU D 70 23.76 -15.51 -8.24
CA GLU D 70 23.43 -16.88 -7.81
C GLU D 70 22.21 -17.44 -8.56
N ALA D 71 21.17 -16.64 -8.75
CA ALA D 71 19.97 -17.05 -9.47
C ALA D 71 20.27 -17.38 -10.92
N ASP D 72 21.11 -16.56 -11.56
CA ASP D 72 21.56 -16.80 -12.93
C ASP D 72 22.26 -18.16 -13.08
N PHE D 73 23.22 -18.41 -12.19
CA PHE D 73 23.91 -19.71 -12.16
C PHE D 73 22.91 -20.88 -12.09
N VAL D 74 21.96 -20.77 -11.16
CA VAL D 74 20.97 -21.82 -10.96
C VAL D 74 20.10 -22.04 -12.18
N VAL D 75 19.68 -20.99 -12.90
CA VAL D 75 18.87 -21.17 -14.09
C VAL D 75 19.74 -21.77 -15.20
N LYS D 76 21.06 -21.50 -15.16
CA LYS D 76 21.94 -22.15 -16.15
C LYS D 76 21.94 -23.67 -15.91
N LEU D 77 21.77 -24.08 -14.64
CA LEU D 77 21.68 -25.50 -14.26
C LEU D 77 20.38 -26.13 -14.67
N THR D 78 19.28 -25.40 -14.48
CA THR D 78 17.96 -25.98 -14.67
C THR D 78 17.61 -26.02 -16.14
N ARG D 79 18.15 -25.06 -16.91
CA ARG D 79 17.72 -24.91 -18.32
C ARG D 79 17.78 -26.22 -19.14
N PRO D 80 18.92 -26.95 -19.12
CA PRO D 80 19.06 -28.17 -19.95
C PRO D 80 18.04 -29.29 -19.75
N ARG D 81 17.72 -29.67 -18.52
CA ARG D 81 16.80 -30.81 -18.33
C ARG D 81 15.45 -30.42 -17.73
N LEU D 82 15.42 -29.41 -16.86
CA LEU D 82 14.14 -28.97 -16.25
C LEU D 82 13.35 -28.05 -17.19
N LYS D 83 14.06 -27.33 -18.06
CA LYS D 83 13.45 -26.62 -19.19
C LYS D 83 12.44 -25.62 -18.67
N ALA D 84 11.22 -25.69 -19.21
CA ALA D 84 10.12 -24.81 -18.78
C ALA D 84 9.33 -25.28 -17.55
N ASN D 85 9.70 -26.40 -16.92
CA ASN D 85 9.05 -26.86 -15.68
C ASN D 85 9.14 -25.82 -14.56
N LEU D 86 8.14 -25.82 -13.67
CA LEU D 86 8.25 -25.00 -12.44
C LEU D 86 9.26 -25.64 -11.52
N VAL D 87 9.99 -24.83 -10.73
CA VAL D 87 11.03 -25.35 -9.86
C VAL D 87 10.88 -24.71 -8.48
N TRP D 88 10.79 -25.52 -7.42
CA TRP D 88 10.62 -24.98 -6.09
C TRP D 88 11.89 -24.31 -5.63
N MET D 89 11.73 -23.22 -4.88
CA MET D 89 12.80 -22.68 -4.08
C MET D 89 12.36 -22.76 -2.63
N GLY D 90 13.31 -22.50 -1.74
CA GLY D 90 13.10 -22.67 -0.28
C GLY D 90 12.30 -21.67 0.52
N LEU D 91 11.21 -21.15 -0.06
CA LEU D 91 10.33 -20.23 0.72
C LEU D 91 8.92 -20.78 0.72
N SER D 92 8.37 -20.93 1.91
CA SER D 92 7.09 -21.61 2.07
C SER D 92 6.13 -20.81 2.93
N ASN D 93 4.82 -21.05 2.71
CA ASN D 93 3.75 -20.41 3.45
C ASN D 93 3.91 -18.89 3.50
N ILE D 94 3.98 -18.27 2.31
CA ILE D 94 4.43 -16.91 2.22
C ILE D 94 3.41 -15.89 2.66
N TRP D 95 2.17 -16.34 2.91
CA TRP D 95 1.08 -15.42 3.29
C TRP D 95 0.75 -15.46 4.74
N HIS D 96 1.50 -16.28 5.46
CA HIS D 96 1.44 -16.32 6.91
C HIS D 96 2.62 -15.48 7.41
N GLY D 97 2.34 -14.69 8.45
CA GLY D 97 3.33 -13.73 8.93
C GLY D 97 3.22 -12.34 8.34
N CYS D 98 2.09 -12.05 7.65
CA CYS D 98 1.88 -10.75 7.04
C CYS D 98 1.27 -9.69 7.96
N ASN D 99 1.06 -10.06 9.21
CA ASN D 99 0.43 -9.13 10.16
C ASN D 99 -0.91 -8.63 9.63
N TRP D 100 -1.78 -9.57 9.30
CA TRP D 100 -3.14 -9.23 8.88
C TRP D 100 -3.92 -8.48 9.98
N GLN D 101 -4.55 -7.37 9.63
CA GLN D 101 -5.42 -6.63 10.54
C GLN D 101 -6.67 -6.14 9.90
N TRP D 102 -7.63 -5.69 10.68
CA TRP D 102 -8.88 -5.11 10.09
C TRP D 102 -8.71 -3.64 9.85
N SER D 103 -9.18 -3.15 8.69
CA SER D 103 -9.09 -1.72 8.39
C SER D 103 -9.83 -0.81 9.40
N ASP D 104 -10.84 -1.34 10.09
CA ASP D 104 -11.60 -0.58 11.06
C ASP D 104 -10.92 -0.62 12.48
N GLY D 105 -9.76 -1.25 12.57
CA GLY D 105 -9.05 -1.41 13.88
C GLY D 105 -9.66 -2.41 14.87
N ALA D 106 -10.66 -3.18 14.48
CA ALA D 106 -11.21 -4.26 15.31
C ALA D 106 -10.17 -5.31 15.65
N ARG D 107 -10.33 -5.98 16.79
CA ARG D 107 -9.37 -7.02 17.14
C ARG D 107 -9.52 -8.20 16.20
N LEU D 108 -8.41 -8.79 15.77
CA LEU D 108 -8.48 -10.01 14.96
C LEU D 108 -8.36 -11.22 15.88
N ASN D 109 -9.44 -11.51 16.58
CA ASN D 109 -9.49 -12.65 17.47
C ASN D 109 -10.16 -13.80 16.73
N TYR D 110 -11.40 -13.61 16.34
CA TYR D 110 -12.08 -14.57 15.50
C TYR D 110 -11.33 -14.69 14.15
N LYS D 111 -11.14 -15.93 13.70
CA LYS D 111 -10.44 -16.19 12.43
C LYS D 111 -11.21 -17.16 11.57
N ASP D 112 -11.25 -16.90 10.27
CA ASP D 112 -11.81 -17.93 9.38
C ASP D 112 -11.17 -17.98 8.03
N TRP D 113 -9.87 -18.16 8.01
CA TRP D 113 -9.15 -18.26 6.78
C TRP D 113 -9.32 -19.63 6.13
N GLN D 114 -9.41 -19.62 4.81
CA GLN D 114 -9.27 -20.86 4.06
C GLN D 114 -7.93 -21.58 4.40
N GLU D 115 -7.95 -22.91 4.47
CA GLU D 115 -6.70 -23.61 4.81
C GLU D 115 -5.96 -23.90 3.53
N GLN D 116 -5.14 -22.96 3.09
CA GLN D 116 -4.32 -23.14 1.90
C GLN D 116 -3.04 -22.39 2.20
N SER D 117 -1.95 -22.78 1.57
CA SER D 117 -0.73 -21.99 1.73
C SER D 117 -0.05 -21.94 0.37
N GLU D 118 0.76 -20.91 0.19
CA GLU D 118 1.47 -20.75 -1.05
C GLU D 118 2.96 -20.75 -0.78
N CYS D 119 3.67 -21.21 -1.80
CA CYS D 119 5.11 -21.32 -1.72
C CYS D 119 5.69 -20.69 -2.97
N LEU D 120 6.98 -20.46 -3.01
CA LEU D 120 7.59 -19.79 -4.19
C LEU D 120 8.35 -20.74 -5.07
N ALA D 121 8.29 -20.45 -6.37
CA ALA D 121 8.91 -21.28 -7.39
C ALA D 121 9.47 -20.35 -8.49
N PHE D 122 10.30 -20.93 -9.35
CA PHE D 122 10.75 -20.24 -10.54
C PHE D 122 10.62 -21.21 -11.70
N ARG D 123 10.75 -20.68 -12.91
CA ARG D 123 10.77 -21.48 -14.12
C ARG D 123 12.21 -21.88 -14.42
N GLY D 124 12.42 -23.11 -14.88
CA GLY D 124 13.78 -23.57 -15.16
C GLY D 124 14.47 -22.68 -16.20
N VAL D 125 13.69 -21.86 -16.89
CA VAL D 125 14.19 -20.96 -17.94
C VAL D 125 14.52 -19.55 -17.42
N HIS D 126 13.81 -19.10 -16.38
CA HIS D 126 13.85 -17.70 -15.95
C HIS D 126 13.97 -17.53 -14.43
N THR D 127 14.62 -16.45 -14.00
CA THR D 127 14.89 -16.26 -12.56
C THR D 127 13.69 -15.71 -11.78
N GLU D 128 12.72 -15.13 -12.48
CA GLU D 128 11.60 -14.46 -11.78
C GLU D 128 10.77 -15.42 -10.93
N TRP D 129 10.42 -14.97 -9.72
CA TRP D 129 9.66 -15.80 -8.80
C TRP D 129 8.18 -15.87 -9.10
N LEU D 130 7.54 -16.97 -8.67
CA LEU D 130 6.11 -17.21 -8.89
C LEU D 130 5.48 -17.83 -7.67
N ASN D 131 4.29 -17.36 -7.31
CA ASN D 131 3.55 -17.97 -6.18
C ASN D 131 2.74 -19.17 -6.61
N MET D 132 2.85 -20.27 -5.85
CA MET D 132 2.14 -21.52 -6.16
C MET D 132 1.57 -22.15 -4.93
N ASP D 133 0.42 -22.77 -5.07
CA ASP D 133 -0.13 -23.56 -4.02
C ASP D 133 0.92 -24.61 -3.54
N CYS D 134 1.13 -24.74 -2.23
CA CYS D 134 2.20 -25.62 -1.72
C CYS D 134 2.00 -27.10 -2.01
N SER D 135 0.78 -27.45 -2.42
CA SER D 135 0.46 -28.84 -2.74
C SER D 135 0.62 -29.16 -4.25
N SER D 136 0.87 -28.13 -5.07
CA SER D 136 1.30 -28.27 -6.47
C SER D 136 2.54 -29.13 -6.53
N THR D 137 2.71 -29.92 -7.60
CA THR D 137 3.93 -30.67 -7.80
C THR D 137 4.77 -29.98 -8.86
N CYS D 138 6.03 -29.77 -8.52
CA CYS D 138 7.01 -29.02 -9.30
C CYS D 138 8.31 -29.81 -9.27
N SER D 139 9.19 -29.52 -10.21
CA SER D 139 10.59 -29.93 -10.09
C SER D 139 11.26 -29.11 -8.97
N PHE D 140 12.55 -29.35 -8.71
CA PHE D 140 13.24 -28.66 -7.63
C PHE D 140 14.75 -28.67 -7.74
N VAL D 141 15.44 -27.91 -6.91
CA VAL D 141 16.88 -27.92 -7.00
C VAL D 141 17.26 -27.99 -5.56
N CYS D 142 18.19 -28.88 -5.22
CA CYS D 142 18.74 -28.90 -3.86
C CYS D 142 20.09 -28.18 -3.75
N LYS D 143 20.43 -27.71 -2.57
CA LYS D 143 21.63 -26.92 -2.33
C LYS D 143 22.23 -27.23 -0.95
N PHE D 144 23.55 -27.33 -0.90
CA PHE D 144 24.22 -27.40 0.37
C PHE D 144 25.55 -26.69 0.24
N LYS D 145 26.13 -26.36 1.38
CA LYS D 145 27.45 -25.77 1.43
C LYS D 145 28.56 -26.86 1.45
N ALA D 146 29.53 -26.74 0.55
CA ALA D 146 30.62 -27.72 0.41
C ALA D 146 31.63 -27.65 1.55
S SO4 E . 31.75 14.79 -0.88
O1 SO4 E . 30.36 14.79 -1.32
O2 SO4 E . 32.55 13.89 -1.74
O3 SO4 E . 32.25 16.16 -0.98
O4 SO4 E . 31.81 14.32 0.50
S SO4 F . -0.90 3.52 0.97
O1 SO4 F . -1.44 2.83 -0.20
O2 SO4 F . -0.42 2.55 1.97
O3 SO4 F . 0.21 4.37 0.52
O4 SO4 F . -1.98 4.34 1.53
S SO4 G . 6.38 12.39 10.00
O1 SO4 G . 7.15 13.29 10.86
O2 SO4 G . 5.77 13.26 8.92
O3 SO4 G . 7.31 11.37 9.50
O4 SO4 G . 5.32 11.71 10.72
S SO4 H . -24.07 39.24 7.28
O1 SO4 H . -25.03 38.28 7.85
O2 SO4 H . -24.52 39.86 6.07
O3 SO4 H . -23.87 40.34 8.22
O4 SO4 H . -22.84 38.51 6.98
S SO4 I . -34.09 0.41 2.35
O1 SO4 I . -33.65 -0.43 1.24
O2 SO4 I . -33.10 0.38 3.44
O3 SO4 I . -34.30 1.77 1.87
O4 SO4 I . -35.36 -0.10 2.87
S SO4 J . 1.18 -3.46 -0.39
O1 SO4 J . 0.14 -4.47 -0.18
O2 SO4 J . 1.71 -3.67 -1.75
O3 SO4 J . 2.26 -3.57 0.59
O4 SO4 J . 0.60 -2.13 -0.24
S SO4 K . -0.22 -13.27 10.48
O1 SO4 K . -0.18 -14.02 9.19
O2 SO4 K . -0.44 -14.28 11.50
O3 SO4 K . 1.03 -12.52 10.67
O4 SO4 K . -1.29 -12.27 10.56
S SO4 L . 15.38 -36.91 -11.49
O1 SO4 L . 14.22 -36.49 -10.71
O2 SO4 L . 14.96 -37.36 -12.82
O3 SO4 L . 16.31 -35.79 -11.68
O4 SO4 L . 16.07 -37.95 -10.74
S SO4 M . 5.43 -20.75 8.67
O1 SO4 M . 4.37 -21.75 8.60
O2 SO4 M . 6.60 -21.42 8.10
O3 SO4 M . 5.70 -20.31 10.05
O4 SO4 M . 5.14 -19.54 7.88
C1 GOL N . -2.71 -15.72 7.42
O1 GOL N . -2.45 -15.94 8.79
C2 GOL N . -3.15 -16.98 6.68
O2 GOL N . -2.10 -17.92 6.83
C3 GOL N . -3.34 -16.70 5.19
O3 GOL N . -3.82 -17.88 4.57
#